data_7UER
#
_entry.id   7UER
#
_cell.length_a   97.940
_cell.length_b   97.940
_cell.length_c   69.393
_cell.angle_alpha   90.000
_cell.angle_beta   90.000
_cell.angle_gamma   120.000
#
_symmetry.space_group_name_H-M   'P 31 2 1'
#
loop_
_entity.id
_entity.type
_entity.pdbx_description
1 polymer 'Pantothenate kinase 3'
2 non-polymer N-(4-{2-[4-(6-chloropyridazin-3-yl)piperazin-1-yl]-2-oxoethyl}phenyl)acetamide
3 non-polymer 'PHOSPHOAMINOPHOSPHONIC ACID-ADENYLATE ESTER'
4 non-polymer 'MAGNESIUM ION'
5 non-polymer 'ACETATE ION'
6 non-polymer 1,2-ETHANEDIOL
7 water water
#
_entity_poly.entity_id   1
_entity_poly.type   'polypeptide(L)'
_entity_poly.pdbx_seq_one_letter_code
;MGSSHHHHHHSSGLVPRGSPWFGMDIGGTLVKLSYFEPIDITAEEEQEEVESLKSIRKYLTSNVAYGSTGIRDVHLELKD
LTLFGRRGNLHFIRFPTQDLPTFIQMGRDKNFSTLQTVLCATGGGAYKFEKDFRTIGNLHLHKLDELDCLVKGLLYIDSV
SFNGQAECYYFANASEPERCQKMPFNLDDPYPLLVVNIGSGVSILAVHSKDNYKRVTGTSLGGGTFLGLCSLLTGCESFE
EALEMASKGDSTQADKLVRDIYGGDYERFGLPGWAVASSFGNMIYKEKRESVSKEDLARATLVTITNNIGSVARMCAVNE
KINRVVFVGNFLRVNTLSMKLLAYALDYWSKGQLKALFLEHEGYFGAVGALLGLPNFSDD
;
_entity_poly.pdbx_strand_id   A
#
loop_
_chem_comp.id
_chem_comp.type
_chem_comp.name
_chem_comp.formula
ACT non-polymer 'ACETATE ION' 'C2 H3 O2 -1'
ANP non-polymer 'PHOSPHOAMINOPHOSPHONIC ACID-ADENYLATE ESTER' 'C10 H17 N6 O12 P3'
EDO non-polymer 1,2-ETHANEDIOL 'C2 H6 O2'
MG non-polymer 'MAGNESIUM ION' 'Mg 2'
N1F non-polymer N-(4-{2-[4-(6-chloropyridazin-3-yl)piperazin-1-yl]-2-oxoethyl}phenyl)acetamide 'C18 H20 Cl N5 O2'
#
# COMPACT_ATOMS: atom_id res chain seq x y z
N SER A 19 -1.95 -28.38 7.04
CA SER A 19 -1.82 -26.97 7.33
C SER A 19 -1.82 -26.15 6.03
N PRO A 20 -2.86 -25.36 5.81
CA PRO A 20 -2.84 -24.40 4.70
C PRO A 20 -1.71 -23.41 4.90
N TRP A 21 -1.12 -22.96 3.79
CA TRP A 21 0.02 -22.02 3.87
C TRP A 21 -0.51 -20.58 3.79
N PHE A 22 -0.40 -19.85 4.89
CA PHE A 22 -0.93 -18.47 4.95
C PHE A 22 0.15 -17.49 5.40
N GLY A 23 0.12 -16.26 4.90
CA GLY A 23 1.01 -15.21 5.41
C GLY A 23 0.12 -14.06 5.83
N MET A 24 0.27 -13.45 7.02
CA MET A 24 -0.69 -12.43 7.44
C MET A 24 0.05 -11.18 7.89
N ASP A 25 -0.45 -10.02 7.44
CA ASP A 25 0.06 -8.71 7.84
C ASP A 25 -1.11 -7.97 8.49
N ILE A 26 -1.08 -7.81 9.81
CA ILE A 26 -2.18 -7.19 10.54
C ILE A 26 -1.78 -5.75 10.78
N GLY A 27 -2.32 -4.85 9.95
CA GLY A 27 -2.04 -3.45 10.08
C GLY A 27 -3.02 -2.75 10.99
N GLY A 28 -2.79 -1.44 11.17
CA GLY A 28 -3.70 -0.60 11.94
C GLY A 28 -5.07 -0.47 11.33
N THR A 29 -5.17 -0.63 10.01
CA THR A 29 -6.43 -0.45 9.28
C THR A 29 -6.89 -1.71 8.60
N LEU A 30 -6.00 -2.39 7.87
CA LEU A 30 -6.41 -3.57 7.10
C LEU A 30 -5.55 -4.76 7.47
N VAL A 31 -6.16 -5.94 7.45
CA VAL A 31 -5.45 -7.20 7.51
C VAL A 31 -5.26 -7.67 6.08
N LYS A 32 -4.02 -8.02 5.72
CA LYS A 32 -3.72 -8.54 4.40
C LYS A 32 -3.30 -9.99 4.56
N LEU A 33 -3.82 -10.86 3.70
CA LEU A 33 -3.56 -12.29 3.81
C LEU A 33 -3.07 -12.80 2.47
N SER A 34 -1.98 -13.57 2.47
CA SER A 34 -1.53 -14.28 1.27
C SER A 34 -1.73 -15.77 1.51
N TYR A 35 -2.35 -16.44 0.54
CA TYR A 35 -2.75 -17.83 0.67
C TYR A 35 -2.24 -18.58 -0.55
N PHE A 36 -1.46 -19.65 -0.31
CA PHE A 36 -0.96 -20.50 -1.39
C PHE A 36 -1.90 -21.69 -1.57
N GLU A 37 -2.55 -21.75 -2.74
CA GLU A 37 -3.46 -22.84 -3.07
C GLU A 37 -2.71 -23.88 -3.89
N PRO A 38 -2.41 -25.07 -3.36
CA PRO A 38 -1.74 -26.09 -4.17
C PRO A 38 -2.62 -26.53 -5.32
N ILE A 39 -2.01 -26.74 -6.48
CA ILE A 39 -2.71 -27.21 -7.65
C ILE A 39 -2.16 -28.52 -8.17
N ASP A 40 -1.20 -29.11 -7.47
CA ASP A 40 -0.60 -30.39 -7.83
C ASP A 40 -1.00 -31.49 -6.84
N ILE A 41 -2.22 -31.41 -6.33
CA ILE A 41 -2.70 -32.39 -5.35
C ILE A 41 -2.85 -33.73 -6.04
N THR A 42 -2.18 -34.75 -5.50
CA THR A 42 -2.27 -36.09 -6.06
C THR A 42 -3.54 -36.78 -5.58
N ALA A 43 -3.80 -37.96 -6.15
CA ALA A 43 -4.94 -38.76 -5.71
C ALA A 43 -4.81 -39.13 -4.23
N GLU A 44 -3.63 -39.59 -3.81
CA GLU A 44 -3.45 -39.98 -2.42
C GLU A 44 -3.51 -38.77 -1.49
N GLU A 45 -2.98 -37.63 -1.93
CA GLU A 45 -3.01 -36.44 -1.09
C GLU A 45 -4.43 -35.96 -0.86
N GLU A 46 -5.28 -36.04 -1.89
CA GLU A 46 -6.65 -35.58 -1.75
C GLU A 46 -7.44 -36.46 -0.78
N GLN A 47 -7.21 -37.78 -0.82
CA GLN A 47 -7.88 -38.67 0.12
C GLN A 47 -7.42 -38.40 1.55
N GLU A 48 -6.13 -38.18 1.75
CA GLU A 48 -5.56 -37.99 3.08
C GLU A 48 -5.57 -36.53 3.52
N GLU A 49 -6.69 -35.83 3.30
CA GLU A 49 -6.88 -34.48 3.79
C GLU A 49 -8.21 -34.38 4.50
N VAL A 50 -8.23 -33.67 5.64
CA VAL A 50 -9.42 -33.60 6.46
C VAL A 50 -10.45 -32.67 5.83
N GLU A 51 -11.72 -32.92 6.14
CA GLU A 51 -12.80 -32.11 5.56
C GLU A 51 -12.63 -30.64 5.90
N SER A 52 -12.17 -30.34 7.12
CA SER A 52 -12.00 -28.94 7.53
C SER A 52 -11.03 -28.22 6.61
N LEU A 53 -10.00 -28.91 6.14
CA LEU A 53 -9.06 -28.31 5.21
C LEU A 53 -9.68 -28.14 3.83
N LYS A 54 -10.36 -29.18 3.34
CA LYS A 54 -10.99 -29.10 2.03
C LYS A 54 -12.07 -28.04 2.01
N SER A 55 -12.78 -27.86 3.13
CA SER A 55 -13.81 -26.83 3.18
C SER A 55 -13.20 -25.43 3.21
N ILE A 56 -12.02 -25.29 3.80
CA ILE A 56 -11.32 -24.00 3.78
C ILE A 56 -10.87 -23.66 2.36
N ARG A 57 -10.26 -24.63 1.68
CA ARG A 57 -9.76 -24.36 0.33
C ARG A 57 -10.90 -24.05 -0.62
N LYS A 58 -12.01 -24.79 -0.51
CA LYS A 58 -13.14 -24.53 -1.40
C LYS A 58 -13.79 -23.19 -1.07
N TYR A 59 -13.89 -22.84 0.21
CA TYR A 59 -14.51 -21.58 0.62
C TYR A 59 -13.71 -20.40 0.10
N LEU A 60 -12.38 -20.48 0.17
CA LEU A 60 -11.53 -19.39 -0.27
C LEU A 60 -11.48 -19.28 -1.79
N THR A 61 -11.47 -20.41 -2.50
CA THR A 61 -11.32 -20.37 -3.95
C THR A 61 -12.65 -20.25 -4.70
N SER A 62 -13.79 -20.49 -4.05
CA SER A 62 -15.08 -20.38 -4.73
C SER A 62 -15.81 -19.08 -4.40
N ASN A 63 -15.25 -18.25 -3.54
CA ASN A 63 -15.84 -16.96 -3.18
C ASN A 63 -14.82 -15.86 -3.43
N VAL A 64 -15.30 -14.69 -3.85
CA VAL A 64 -14.47 -13.51 -3.95
C VAL A 64 -14.80 -12.47 -2.89
N ALA A 65 -15.95 -12.59 -2.23
CA ALA A 65 -16.29 -11.79 -1.07
C ALA A 65 -16.48 -12.76 0.09
N TYR A 66 -15.91 -12.43 1.24
CA TYR A 66 -15.97 -13.29 2.41
C TYR A 66 -16.74 -12.55 3.50
N GLY A 67 -17.91 -13.05 3.85
CA GLY A 67 -18.70 -12.27 4.77
C GLY A 67 -19.04 -10.91 4.21
N SER A 68 -19.16 -9.93 5.09
CA SER A 68 -19.57 -8.59 4.67
C SER A 68 -18.39 -7.70 4.28
N THR A 69 -17.17 -8.01 4.74
CA THR A 69 -16.07 -7.07 4.56
C THR A 69 -14.79 -7.66 3.99
N GLY A 70 -14.73 -8.97 3.77
CA GLY A 70 -13.53 -9.58 3.20
C GLY A 70 -13.60 -9.62 1.68
N ILE A 71 -12.46 -9.40 1.04
CA ILE A 71 -12.38 -9.30 -0.42
C ILE A 71 -11.15 -10.05 -0.90
N ARG A 72 -11.30 -10.89 -1.92
CA ARG A 72 -10.17 -11.46 -2.63
C ARG A 72 -9.87 -10.61 -3.87
N ASP A 73 -8.62 -10.16 -3.97
CA ASP A 73 -8.20 -9.33 -5.10
C ASP A 73 -7.79 -10.28 -6.23
N VAL A 74 -8.78 -10.71 -7.00
CA VAL A 74 -8.57 -11.79 -7.97
C VAL A 74 -7.56 -11.37 -9.05
N HIS A 75 -7.55 -10.09 -9.41
CA HIS A 75 -6.65 -9.64 -10.47
C HIS A 75 -5.18 -9.77 -10.10
N LEU A 76 -4.86 -9.86 -8.81
CA LEU A 76 -3.48 -9.95 -8.37
C LEU A 76 -2.96 -11.39 -8.28
N GLU A 77 -3.81 -12.37 -8.44
CA GLU A 77 -3.43 -13.77 -8.27
C GLU A 77 -2.23 -14.13 -9.14
N LEU A 78 -1.23 -14.79 -8.54
CA LEU A 78 -0.12 -15.36 -9.27
C LEU A 78 -0.45 -16.81 -9.54
N LYS A 79 -0.46 -17.19 -10.82
CA LYS A 79 -0.88 -18.53 -11.21
C LYS A 79 0.34 -19.40 -11.49
N ASP A 80 0.25 -20.67 -11.04
CA ASP A 80 1.26 -21.69 -11.34
C ASP A 80 2.62 -21.28 -10.82
N LEU A 81 2.64 -20.74 -9.60
CA LEU A 81 3.87 -20.45 -8.90
C LEU A 81 4.43 -21.72 -8.28
N THR A 82 5.75 -21.86 -8.31
CA THR A 82 6.43 -22.93 -7.59
C THR A 82 6.94 -22.36 -6.28
N LEU A 83 6.39 -22.86 -5.17
CA LEU A 83 6.74 -22.38 -3.83
C LEU A 83 6.91 -23.59 -2.93
N PHE A 84 8.05 -23.63 -2.22
CA PHE A 84 8.33 -24.70 -1.25
C PHE A 84 8.22 -26.07 -1.90
N GLY A 85 8.70 -26.17 -3.15
CA GLY A 85 8.69 -27.43 -3.86
C GLY A 85 7.35 -27.88 -4.39
N ARG A 86 6.32 -27.03 -4.31
CA ARG A 86 5.00 -27.36 -4.81
C ARG A 86 4.56 -26.29 -5.79
N ARG A 87 3.66 -26.68 -6.70
CA ARG A 87 3.06 -25.72 -7.62
C ARG A 87 1.70 -25.30 -7.09
N GLY A 88 1.38 -24.02 -7.26
CA GLY A 88 0.08 -23.57 -6.81
C GLY A 88 -0.18 -22.16 -7.27
N ASN A 89 -1.31 -21.63 -6.78
CA ASN A 89 -1.70 -20.25 -7.05
C ASN A 89 -1.54 -19.45 -5.78
N LEU A 90 -1.03 -18.24 -5.91
CA LEU A 90 -0.89 -17.34 -4.76
C LEU A 90 -2.02 -16.32 -4.79
N HIS A 91 -2.82 -16.31 -3.72
CA HIS A 91 -4.01 -15.48 -3.61
C HIS A 91 -3.79 -14.35 -2.62
N PHE A 92 -4.51 -13.24 -2.82
CA PHE A 92 -4.33 -12.01 -2.04
C PHE A 92 -5.69 -11.56 -1.53
N ILE A 93 -5.83 -11.47 -0.20
CA ILE A 93 -7.12 -11.29 0.46
C ILE A 93 -6.96 -10.17 1.49
N ARG A 94 -7.98 -9.32 1.64
CA ARG A 94 -7.91 -8.26 2.63
C ARG A 94 -9.25 -8.09 3.36
N PHE A 95 -9.17 -7.62 4.59
CA PHE A 95 -10.38 -7.27 5.35
C PHE A 95 -9.99 -6.27 6.44
N PRO A 96 -10.95 -5.54 7.00
CA PRO A 96 -10.60 -4.51 7.99
C PRO A 96 -10.12 -5.14 9.29
N THR A 97 -9.11 -4.53 9.89
CA THR A 97 -8.61 -5.01 11.18
C THR A 97 -9.71 -5.00 12.23
N GLN A 98 -10.66 -4.06 12.12
CA GLN A 98 -11.82 -4.02 13.01
C GLN A 98 -12.59 -5.33 13.00
N ASP A 99 -12.50 -6.12 11.94
CA ASP A 99 -13.23 -7.37 11.82
C ASP A 99 -12.37 -8.59 12.13
N LEU A 100 -11.16 -8.38 12.63
CA LEU A 100 -10.35 -9.54 13.04
C LEU A 100 -11.06 -10.43 14.06
N PRO A 101 -11.86 -9.93 15.02
CA PRO A 101 -12.59 -10.85 15.90
C PRO A 101 -13.48 -11.84 15.15
N THR A 102 -14.16 -11.41 14.08
CA THR A 102 -14.92 -12.36 13.28
C THR A 102 -14.02 -13.40 12.64
N PHE A 103 -12.86 -12.97 12.12
CA PHE A 103 -11.90 -13.90 11.54
C PHE A 103 -11.45 -14.94 12.55
N ILE A 104 -11.13 -14.49 13.77
CA ILE A 104 -10.65 -15.42 14.79
C ILE A 104 -11.77 -16.33 15.25
N GLN A 105 -12.99 -15.80 15.36
CA GLN A 105 -14.13 -16.62 15.75
C GLN A 105 -14.45 -17.69 14.70
N MET A 106 -14.32 -17.35 13.41
CA MET A 106 -14.48 -18.38 12.39
C MET A 106 -13.40 -19.44 12.49
N GLY A 107 -12.18 -19.05 12.89
CA GLY A 107 -11.12 -20.02 13.06
C GLY A 107 -11.36 -20.97 14.22
N ARG A 108 -11.98 -20.48 15.29
CA ARG A 108 -12.26 -21.32 16.45
C ARG A 108 -13.41 -22.29 16.24
N ASP A 109 -14.04 -22.29 15.07
CA ASP A 109 -15.14 -23.21 14.82
C ASP A 109 -14.95 -24.02 13.53
N THR A 117 -1.84 -25.64 13.67
CA THR A 117 -1.36 -24.94 12.48
C THR A 117 -0.36 -23.85 12.86
N VAL A 118 0.41 -23.41 11.88
CA VAL A 118 1.49 -22.44 12.08
C VAL A 118 1.12 -21.18 11.32
N LEU A 119 1.01 -20.07 12.04
CA LEU A 119 0.64 -18.80 11.41
C LEU A 119 1.82 -17.85 11.52
N CYS A 120 2.41 -17.50 10.38
CA CYS A 120 3.43 -16.47 10.35
C CYS A 120 2.72 -15.13 10.14
N ALA A 121 2.94 -14.20 11.07
CA ALA A 121 2.21 -12.94 11.07
C ALA A 121 3.16 -11.79 11.32
N THR A 122 2.86 -10.67 10.69
CA THR A 122 3.63 -9.45 10.84
C THR A 122 2.66 -8.29 10.98
N GLY A 123 3.19 -7.06 11.00
CA GLY A 123 2.42 -5.88 11.31
C GLY A 123 2.28 -5.70 12.82
N GLY A 124 1.88 -4.48 13.21
CA GLY A 124 1.67 -4.19 14.63
C GLY A 124 0.68 -5.13 15.29
N GLY A 125 -0.34 -5.58 14.55
CA GLY A 125 -1.35 -6.45 15.12
C GLY A 125 -0.87 -7.84 15.46
N ALA A 126 0.26 -8.28 14.88
CA ALA A 126 0.82 -9.55 15.30
C ALA A 126 1.19 -9.52 16.77
N TYR A 127 1.62 -8.36 17.26
CA TYR A 127 1.88 -8.16 18.68
C TYR A 127 0.61 -7.85 19.45
N LYS A 128 -0.18 -6.89 18.96
CA LYS A 128 -1.35 -6.44 19.69
C LYS A 128 -2.34 -7.57 19.92
N PHE A 129 -2.50 -8.45 18.93
CA PHE A 129 -3.53 -9.49 18.97
C PHE A 129 -2.95 -10.87 19.18
N GLU A 130 -1.70 -10.96 19.63
CA GLU A 130 -1.07 -12.25 19.84
C GLU A 130 -1.92 -13.15 20.73
N LYS A 131 -2.42 -12.62 21.84
CA LYS A 131 -3.19 -13.43 22.77
C LYS A 131 -4.50 -13.91 22.17
N ASP A 132 -5.09 -13.09 21.29
CA ASP A 132 -6.33 -13.49 20.62
C ASP A 132 -6.10 -14.64 19.66
N PHE A 133 -5.01 -14.61 18.88
CA PHE A 133 -4.72 -15.74 18.02
C PHE A 133 -4.51 -17.02 18.81
N ARG A 134 -3.93 -16.90 20.00
CA ARG A 134 -3.67 -18.08 20.80
C ARG A 134 -4.94 -18.68 21.41
N THR A 135 -6.10 -18.05 21.23
CA THR A 135 -7.36 -18.68 21.62
C THR A 135 -7.75 -19.82 20.68
N ILE A 136 -7.11 -19.90 19.51
CA ILE A 136 -7.27 -21.05 18.62
C ILE A 136 -6.35 -22.14 19.14
N GLY A 137 -6.93 -23.22 19.63
CA GLY A 137 -6.17 -24.31 20.24
C GLY A 137 -5.00 -24.79 19.40
N ASN A 138 -3.85 -24.96 20.04
CA ASN A 138 -2.64 -25.52 19.44
C ASN A 138 -2.08 -24.67 18.31
N LEU A 139 -2.60 -23.46 18.12
CA LEU A 139 -2.07 -22.59 17.07
C LEU A 139 -0.71 -22.05 17.48
N HIS A 140 0.26 -22.16 16.58
CA HIS A 140 1.60 -21.62 16.79
C HIS A 140 1.68 -20.29 16.05
N LEU A 141 1.83 -19.21 16.80
CA LEU A 141 1.93 -17.87 16.24
C LEU A 141 3.40 -17.48 16.21
N HIS A 142 3.89 -17.09 15.04
CA HIS A 142 5.28 -16.67 14.88
C HIS A 142 5.26 -15.24 14.37
N LYS A 143 5.63 -14.30 15.25
CA LYS A 143 5.65 -12.89 14.89
C LYS A 143 6.93 -12.60 14.13
N LEU A 144 6.80 -11.97 12.97
CA LEU A 144 7.94 -11.71 12.12
C LEU A 144 8.10 -10.22 11.92
N ASP A 145 9.36 -9.79 11.79
CA ASP A 145 9.65 -8.37 11.70
C ASP A 145 9.06 -7.78 10.44
N GLU A 146 8.33 -6.67 10.62
CA GLU A 146 7.68 -5.97 9.52
C GLU A 146 8.67 -5.62 8.41
N LEU A 147 9.84 -5.11 8.79
CA LEU A 147 10.83 -4.67 7.80
C LEU A 147 11.35 -5.85 7.00
N ASP A 148 11.75 -6.93 7.68
CA ASP A 148 12.21 -8.11 6.97
C ASP A 148 11.12 -8.64 6.05
N CYS A 149 9.87 -8.63 6.50
CA CYS A 149 8.78 -9.18 5.69
C CYS A 149 8.54 -8.35 4.44
N LEU A 150 8.43 -7.03 4.60
CA LEU A 150 8.18 -6.17 3.44
C LEU A 150 9.29 -6.31 2.40
N VAL A 151 10.55 -6.28 2.84
CA VAL A 151 11.67 -6.35 1.89
C VAL A 151 11.72 -7.70 1.21
N LYS A 152 11.61 -8.79 1.99
CA LYS A 152 11.65 -10.12 1.38
C LYS A 152 10.50 -10.33 0.41
N GLY A 153 9.30 -9.85 0.77
CA GLY A 153 8.15 -10.05 -0.08
C GLY A 153 8.20 -9.23 -1.35
N LEU A 154 8.71 -8.00 -1.26
CA LEU A 154 8.86 -7.16 -2.43
C LEU A 154 9.89 -7.76 -3.39
N LEU A 155 11.05 -8.19 -2.87
CA LEU A 155 12.06 -8.78 -3.73
C LEU A 155 11.56 -10.08 -4.34
N TYR A 156 10.77 -10.86 -3.60
CA TYR A 156 10.29 -12.13 -4.10
C TYR A 156 9.31 -11.95 -5.25
N ILE A 157 8.30 -11.10 -5.06
CA ILE A 157 7.28 -10.93 -6.10
C ILE A 157 7.91 -10.37 -7.37
N ASP A 158 8.77 -9.37 -7.22
CA ASP A 158 9.43 -8.86 -8.43
C ASP A 158 10.24 -9.95 -9.13
N SER A 159 10.87 -10.84 -8.35
CA SER A 159 11.70 -11.87 -8.96
C SER A 159 10.87 -12.91 -9.72
N VAL A 160 9.68 -13.27 -9.22
CA VAL A 160 8.89 -14.27 -9.93
C VAL A 160 8.05 -13.68 -11.06
N SER A 161 7.95 -12.35 -11.14
CA SER A 161 7.15 -11.59 -12.09
C SER A 161 5.66 -11.70 -11.80
N PHE A 162 4.87 -10.83 -12.41
CA PHE A 162 3.42 -10.80 -12.27
C PHE A 162 2.85 -11.56 -13.46
N ASN A 163 2.85 -12.89 -13.34
CA ASN A 163 2.41 -13.78 -14.43
C ASN A 163 3.09 -13.41 -15.74
N GLY A 164 4.41 -13.21 -15.67
CA GLY A 164 5.21 -12.90 -16.84
C GLY A 164 5.29 -11.43 -17.18
N GLN A 165 4.49 -10.60 -16.56
CA GLN A 165 4.56 -9.14 -16.74
C GLN A 165 5.35 -8.48 -15.60
N ALA A 166 5.81 -7.26 -15.85
CA ALA A 166 6.55 -6.52 -14.83
C ALA A 166 5.69 -6.30 -13.58
N GLU A 167 6.31 -6.50 -12.42
CA GLU A 167 5.68 -6.11 -11.17
C GLU A 167 5.82 -4.61 -10.93
N CYS A 168 6.86 -3.99 -11.46
CA CYS A 168 7.18 -2.60 -11.17
C CYS A 168 6.88 -1.74 -12.40
N TYR A 169 6.32 -0.55 -12.17
CA TYR A 169 6.03 0.36 -13.26
C TYR A 169 6.25 1.80 -12.82
N TYR A 170 6.32 2.69 -13.81
CA TYR A 170 6.42 4.12 -13.57
C TYR A 170 5.50 4.83 -14.56
N PHE A 171 5.32 6.14 -14.39
CA PHE A 171 4.55 6.92 -15.34
C PHE A 171 5.52 7.70 -16.21
N ALA A 172 5.66 7.25 -17.47
CA ALA A 172 6.56 7.89 -18.42
C ALA A 172 6.01 9.25 -18.81
N ASN A 173 6.92 10.21 -18.98
CA ASN A 173 6.55 11.58 -19.37
C ASN A 173 5.47 12.14 -18.44
N ALA A 174 5.71 12.01 -17.14
CA ALA A 174 4.72 12.41 -16.15
C ALA A 174 4.45 13.91 -16.15
N SER A 175 5.29 14.70 -16.82
CA SER A 175 5.08 16.14 -16.87
C SER A 175 3.99 16.54 -17.86
N GLU A 176 3.82 15.80 -18.95
CA GLU A 176 2.85 16.16 -19.99
C GLU A 176 1.67 15.20 -19.94
N PRO A 177 0.45 15.68 -19.69
CA PRO A 177 -0.68 14.76 -19.53
C PRO A 177 -1.08 14.06 -20.81
N GLU A 178 -0.86 14.67 -21.98
CA GLU A 178 -1.20 14.02 -23.23
C GLU A 178 -0.28 12.85 -23.54
N ARG A 179 0.85 12.72 -22.83
CA ARG A 179 1.78 11.63 -23.00
C ARG A 179 1.91 10.73 -21.79
N CYS A 180 1.58 11.22 -20.59
CA CYS A 180 1.79 10.47 -19.36
C CYS A 180 1.16 9.09 -19.45
N GLN A 181 2.00 8.06 -19.28
CA GLN A 181 1.52 6.67 -19.45
C GLN A 181 2.27 5.67 -18.57
N LYS A 182 1.53 4.74 -17.97
CA LYS A 182 2.11 3.63 -17.22
C LYS A 182 3.02 2.77 -18.08
N MET A 183 4.26 2.53 -17.63
CA MET A 183 5.26 1.77 -18.37
C MET A 183 6.06 0.88 -17.43
N PRO A 184 6.53 -0.28 -17.91
CA PRO A 184 7.21 -1.20 -16.99
C PRO A 184 8.62 -0.73 -16.63
N PHE A 185 9.07 -1.12 -15.44
CA PHE A 185 10.40 -0.75 -14.93
C PHE A 185 11.12 -1.98 -14.40
N ASN A 186 12.37 -2.17 -14.82
CA ASN A 186 13.14 -3.36 -14.45
C ASN A 186 13.86 -3.17 -13.12
N LEU A 187 13.62 -4.09 -12.18
CA LEU A 187 14.26 -4.12 -10.87
C LEU A 187 15.12 -5.38 -10.70
N ASP A 188 15.79 -5.83 -11.76
CA ASP A 188 16.63 -7.02 -11.63
C ASP A 188 17.80 -6.79 -10.70
N ASP A 189 18.36 -5.58 -10.70
CA ASP A 189 19.33 -5.16 -9.69
C ASP A 189 18.66 -4.04 -8.90
N PRO A 190 17.94 -4.35 -7.83
CA PRO A 190 17.09 -3.35 -7.16
C PRO A 190 17.78 -2.49 -6.12
N TYR A 191 19.11 -2.55 -6.00
CA TYR A 191 19.74 -1.79 -4.94
C TYR A 191 20.57 -0.65 -5.49
N PRO A 192 20.59 0.51 -4.81
CA PRO A 192 19.78 0.76 -3.62
C PRO A 192 18.37 1.20 -3.95
N LEU A 193 17.47 1.15 -2.97
CA LEU A 193 16.07 1.46 -3.21
C LEU A 193 15.53 2.17 -1.97
N LEU A 194 14.78 3.25 -2.17
CA LEU A 194 14.02 3.88 -1.10
C LEU A 194 12.58 3.41 -1.20
N VAL A 195 12.09 2.75 -0.15
CA VAL A 195 10.72 2.22 -0.11
C VAL A 195 9.88 3.11 0.79
N VAL A 196 8.80 3.67 0.24
CA VAL A 196 7.90 4.56 0.99
C VAL A 196 6.60 3.80 1.21
N ASN A 197 6.38 3.37 2.46
CA ASN A 197 5.24 2.52 2.82
C ASN A 197 4.13 3.42 3.35
N ILE A 198 3.12 3.66 2.53
CA ILE A 198 2.01 4.54 2.90
C ILE A 198 0.85 3.68 3.40
N GLY A 199 0.75 3.53 4.72
CA GLY A 199 -0.36 2.83 5.35
C GLY A 199 -1.19 3.82 6.14
N SER A 200 -1.49 3.53 7.42
CA SER A 200 -2.12 4.53 8.27
C SER A 200 -1.25 5.79 8.37
N GLY A 201 0.04 5.59 8.63
CA GLY A 201 1.06 6.63 8.60
C GLY A 201 2.00 6.31 7.45
N VAL A 202 3.23 6.83 7.48
CA VAL A 202 4.21 6.59 6.44
C VAL A 202 5.51 6.15 7.08
N SER A 203 6.07 5.04 6.60
CA SER A 203 7.41 4.61 6.97
CA SER A 203 7.41 4.63 6.98
C SER A 203 8.29 4.65 5.74
N ILE A 204 9.54 5.09 5.92
CA ILE A 204 10.48 5.21 4.81
C ILE A 204 11.67 4.33 5.09
N LEU A 205 11.96 3.42 4.17
CA LEU A 205 13.02 2.43 4.31
C LEU A 205 14.09 2.66 3.26
N ALA A 206 15.35 2.46 3.65
CA ALA A 206 16.47 2.48 2.72
C ALA A 206 16.97 1.04 2.61
N VAL A 207 16.97 0.52 1.39
CA VAL A 207 17.35 -0.86 1.14
C VAL A 207 18.65 -0.81 0.35
N HIS A 208 19.74 -1.25 0.98
CA HIS A 208 21.04 -1.26 0.31
C HIS A 208 21.41 -2.62 -0.25
N SER A 209 20.90 -3.70 0.32
CA SER A 209 21.14 -5.05 -0.18
C SER A 209 20.03 -5.94 0.35
N LYS A 210 20.10 -7.24 0.00
CA LYS A 210 19.09 -8.19 0.47
C LYS A 210 19.14 -8.38 1.97
N ASP A 211 20.26 -8.02 2.62
CA ASP A 211 20.39 -8.16 4.07
C ASP A 211 20.86 -6.87 4.74
N ASN A 212 20.76 -5.73 4.05
CA ASN A 212 21.20 -4.44 4.59
C ASN A 212 20.13 -3.41 4.28
N TYR A 213 19.25 -3.16 5.25
CA TYR A 213 18.18 -2.20 5.07
C TYR A 213 17.80 -1.65 6.43
N LYS A 214 17.22 -0.45 6.41
CA LYS A 214 16.93 0.26 7.65
C LYS A 214 15.69 1.13 7.45
N ARG A 215 15.00 1.41 8.56
CA ARG A 215 13.94 2.41 8.57
C ARG A 215 14.60 3.77 8.74
N VAL A 216 14.44 4.65 7.74
CA VAL A 216 15.09 5.96 7.76
C VAL A 216 14.37 6.90 8.71
N THR A 217 13.05 7.00 8.54
CA THR A 217 12.19 7.85 9.34
C THR A 217 10.75 7.51 8.97
N GLY A 218 9.81 8.34 9.40
CA GLY A 218 8.42 8.16 9.03
C GLY A 218 7.73 9.50 9.17
N THR A 219 6.49 9.56 8.70
CA THR A 219 5.65 10.72 8.96
C THR A 219 4.27 10.23 9.35
N SER A 220 3.62 10.98 10.24
CA SER A 220 2.28 10.59 10.66
CA SER A 220 2.28 10.66 10.71
C SER A 220 1.19 11.08 9.72
N LEU A 221 1.54 11.77 8.64
CA LEU A 221 0.56 12.25 7.67
C LEU A 221 0.46 11.21 6.56
N GLY A 222 -0.41 10.23 6.73
CA GLY A 222 -0.50 9.12 5.81
C GLY A 222 -1.92 8.85 5.37
N GLY A 223 -2.17 7.58 5.01
CA GLY A 223 -3.48 7.21 4.51
C GLY A 223 -4.60 7.39 5.53
N GLY A 224 -4.29 7.18 6.82
CA GLY A 224 -5.31 7.39 7.84
C GLY A 224 -5.63 8.85 8.05
N THR A 225 -4.65 9.73 7.80
CA THR A 225 -4.92 11.16 7.82
C THR A 225 -5.83 11.56 6.67
N PHE A 226 -5.55 11.07 5.45
CA PHE A 226 -6.47 11.33 4.37
C PHE A 226 -7.89 10.88 4.71
N LEU A 227 -8.04 9.62 5.12
CA LEU A 227 -9.37 9.07 5.35
C LEU A 227 -10.05 9.74 6.55
N GLY A 228 -9.30 9.97 7.62
CA GLY A 228 -9.89 10.57 8.82
C GLY A 228 -10.29 12.02 8.61
N LEU A 229 -9.39 12.82 8.03
CA LEU A 229 -9.73 14.23 7.76
C LEU A 229 -10.83 14.33 6.73
N CYS A 230 -10.75 13.52 5.69
CA CYS A 230 -11.82 13.54 4.66
C CYS A 230 -13.17 13.22 5.32
N SER A 231 -13.22 12.23 6.20
CA SER A 231 -14.49 11.89 6.84
C SER A 231 -15.00 13.03 7.70
N LEU A 232 -14.11 13.68 8.45
CA LEU A 232 -14.53 14.81 9.25
C LEU A 232 -15.06 15.97 8.39
N LEU A 233 -14.38 16.22 7.27
CA LEU A 233 -14.67 17.41 6.47
C LEU A 233 -15.86 17.21 5.51
N THR A 234 -16.08 15.99 5.04
CA THR A 234 -17.09 15.74 4.01
C THR A 234 -18.17 14.77 4.43
N GLY A 235 -17.98 14.02 5.51
CA GLY A 235 -18.95 13.02 5.87
C GLY A 235 -18.90 11.75 5.04
N CYS A 236 -17.88 11.58 4.20
CA CYS A 236 -17.75 10.35 3.43
C CYS A 236 -17.63 9.16 4.39
N GLU A 237 -18.10 8.01 3.91
CA GLU A 237 -18.18 6.80 4.73
C GLU A 237 -17.25 5.70 4.29
N SER A 238 -16.43 5.93 3.26
CA SER A 238 -15.48 4.90 2.84
C SER A 238 -14.33 5.54 2.09
N PHE A 239 -13.22 4.80 2.03
CA PHE A 239 -12.08 5.22 1.23
C PHE A 239 -12.47 5.47 -0.22
N GLU A 240 -13.23 4.55 -0.80
CA GLU A 240 -13.62 4.71 -2.21
C GLU A 240 -14.49 5.94 -2.41
N GLU A 241 -15.40 6.23 -1.48
CA GLU A 241 -16.21 7.44 -1.60
C GLU A 241 -15.34 8.69 -1.49
N ALA A 242 -14.34 8.67 -0.61
CA ALA A 242 -13.44 9.82 -0.48
C ALA A 242 -12.72 10.12 -1.78
N LEU A 243 -12.22 9.07 -2.44
CA LEU A 243 -11.56 9.23 -3.74
C LEU A 243 -12.52 9.74 -4.81
N GLU A 244 -13.76 9.22 -4.84
CA GLU A 244 -14.73 9.68 -5.83
C GLU A 244 -15.04 11.16 -5.64
N MET A 245 -15.20 11.60 -4.38
CA MET A 245 -15.39 13.03 -4.12
C MET A 245 -14.19 13.83 -4.61
N ALA A 246 -12.99 13.37 -4.27
CA ALA A 246 -11.78 14.11 -4.64
C ALA A 246 -11.64 14.23 -6.14
N SER A 247 -12.07 13.21 -6.89
CA SER A 247 -11.97 13.27 -8.35
C SER A 247 -12.82 14.38 -8.94
N LYS A 248 -13.85 14.84 -8.23
CA LYS A 248 -14.75 15.87 -8.73
C LYS A 248 -14.42 17.26 -8.21
N GLY A 249 -13.45 17.38 -7.30
CA GLY A 249 -13.19 18.63 -6.63
C GLY A 249 -12.06 19.45 -7.25
N ASP A 250 -11.92 20.67 -6.74
CA ASP A 250 -10.88 21.61 -7.12
C ASP A 250 -10.14 22.00 -5.85
N SER A 251 -8.94 21.46 -5.64
CA SER A 251 -8.20 21.77 -4.41
C SER A 251 -7.86 23.25 -4.29
N THR A 252 -7.82 23.98 -5.42
CA THR A 252 -7.43 25.38 -5.32
C THR A 252 -8.50 26.25 -4.68
N GLN A 253 -9.72 25.74 -4.52
CA GLN A 253 -10.73 26.48 -3.77
C GLN A 253 -10.39 26.54 -2.28
N ALA A 254 -9.66 25.55 -1.77
CA ALA A 254 -9.28 25.51 -0.37
C ALA A 254 -7.86 25.97 -0.12
N ASP A 255 -6.94 25.65 -1.03
CA ASP A 255 -5.52 25.94 -0.84
C ASP A 255 -5.19 27.36 -1.28
N LYS A 256 -4.19 27.96 -0.60
CA LYS A 256 -3.63 29.24 -1.02
C LYS A 256 -2.38 28.96 -1.85
N LEU A 257 -2.38 29.43 -3.09
CA LEU A 257 -1.29 29.16 -4.03
C LEU A 257 -0.25 30.28 -4.02
N VAL A 258 0.92 29.99 -4.58
CA VAL A 258 1.95 31.03 -4.74
C VAL A 258 1.39 32.25 -5.46
N ARG A 259 0.60 32.03 -6.52
CA ARG A 259 0.06 33.18 -7.23
C ARG A 259 -0.94 33.98 -6.39
N ASP A 260 -1.54 33.36 -5.37
CA ASP A 260 -2.43 34.10 -4.47
C ASP A 260 -1.67 35.07 -3.58
N ILE A 261 -0.40 34.77 -3.30
CA ILE A 261 0.41 35.61 -2.43
C ILE A 261 1.22 36.63 -3.22
N TYR A 262 1.78 36.21 -4.37
CA TYR A 262 2.62 37.11 -5.17
C TYR A 262 1.89 37.75 -6.33
N GLY A 263 0.73 37.24 -6.73
CA GLY A 263 0.12 37.66 -7.98
C GLY A 263 0.63 36.93 -9.19
N GLY A 264 1.57 36.01 -9.03
CA GLY A 264 2.09 35.24 -10.14
C GLY A 264 3.14 34.28 -9.66
N ASP A 265 4.02 33.86 -10.58
CA ASP A 265 5.14 33.02 -10.18
C ASP A 265 6.12 33.82 -9.33
N TYR A 266 6.97 33.10 -8.59
CA TYR A 266 8.12 33.71 -7.90
C TYR A 266 9.38 33.00 -8.40
N GLU A 267 9.91 33.50 -9.51
CA GLU A 267 11.05 32.87 -10.17
C GLU A 267 12.35 33.01 -9.37
N ARG A 268 12.43 33.99 -8.47
CA ARG A 268 13.62 34.15 -7.64
C ARG A 268 13.97 32.84 -6.93
N PHE A 269 12.96 32.10 -6.48
CA PHE A 269 13.18 30.80 -5.85
C PHE A 269 12.58 29.66 -6.66
N GLY A 270 12.34 29.88 -7.95
CA GLY A 270 11.87 28.81 -8.82
C GLY A 270 10.52 28.27 -8.43
N LEU A 271 9.64 29.08 -7.86
CA LEU A 271 8.33 28.61 -7.44
C LEU A 271 7.29 28.97 -8.49
N PRO A 272 6.66 28.01 -9.15
CA PRO A 272 5.62 28.36 -10.12
C PRO A 272 4.38 28.88 -9.40
N GLY A 273 3.59 29.70 -10.10
CA GLY A 273 2.41 30.28 -9.49
C GLY A 273 1.41 29.25 -9.01
N TRP A 274 1.42 28.05 -9.62
CA TRP A 274 0.46 27.01 -9.30
C TRP A 274 0.84 26.18 -8.08
N ALA A 275 2.07 26.33 -7.59
CA ALA A 275 2.49 25.59 -6.40
C ALA A 275 1.64 25.98 -5.20
N VAL A 276 1.36 25.02 -4.34
CA VAL A 276 0.59 25.32 -3.12
C VAL A 276 1.53 25.95 -2.09
N ALA A 277 1.21 27.17 -1.67
CA ALA A 277 1.96 27.85 -0.61
C ALA A 277 1.42 27.50 0.77
N SER A 278 0.11 27.34 0.91
CA SER A 278 -0.49 27.03 2.20
C SER A 278 -1.68 26.11 1.99
N SER A 279 -1.52 24.84 2.35
CA SER A 279 -2.63 23.89 2.28
C SER A 279 -3.79 24.33 3.17
N PHE A 280 -5.01 24.29 2.65
CA PHE A 280 -6.20 24.82 3.30
C PHE A 280 -6.07 26.30 3.68
N GLY A 281 -5.08 27.00 3.12
CA GLY A 281 -4.82 28.36 3.56
C GLY A 281 -5.91 29.36 3.21
N ASN A 282 -6.71 29.07 2.18
CA ASN A 282 -7.81 29.97 1.87
C ASN A 282 -9.00 29.76 2.81
N MET A 283 -8.95 28.74 3.65
CA MET A 283 -10.03 28.48 4.60
C MET A 283 -9.93 29.33 5.86
N ILE A 284 -8.97 30.25 5.95
CA ILE A 284 -8.99 31.24 7.03
C ILE A 284 -10.03 32.31 6.81
N TYR A 285 -10.61 32.38 5.62
CA TYR A 285 -11.62 33.38 5.28
C TYR A 285 -13.01 32.76 5.38
N LYS A 286 -13.87 33.37 6.18
CA LYS A 286 -15.17 32.76 6.45
C LYS A 286 -15.99 32.64 5.17
N GLU A 287 -15.92 33.65 4.30
CA GLU A 287 -16.72 33.58 3.08
C GLU A 287 -16.26 32.45 2.17
N LYS A 288 -14.97 32.12 2.19
CA LYS A 288 -14.50 30.99 1.40
C LYS A 288 -14.87 29.64 2.01
N ARG A 289 -14.86 29.54 3.34
CA ARG A 289 -15.37 28.32 3.97
C ARG A 289 -16.84 28.09 3.64
N GLU A 290 -17.60 29.15 3.47
CA GLU A 290 -19.02 29.00 3.19
C GLU A 290 -19.30 28.61 1.75
N SER A 291 -18.33 28.79 0.83
CA SER A 291 -18.55 28.50 -0.58
C SER A 291 -17.88 27.22 -1.04
N VAL A 292 -16.96 26.67 -0.27
CA VAL A 292 -16.21 25.49 -0.67
C VAL A 292 -17.13 24.26 -0.64
N SER A 293 -16.95 23.36 -1.61
CA SER A 293 -17.74 22.14 -1.67
C SER A 293 -17.02 21.00 -0.95
N LYS A 294 -17.79 19.98 -0.59
CA LYS A 294 -17.19 18.77 -0.02
C LYS A 294 -16.19 18.15 -0.98
N GLU A 295 -16.49 18.14 -2.28
CA GLU A 295 -15.55 17.58 -3.24
C GLU A 295 -14.24 18.38 -3.26
N ASP A 296 -14.33 19.70 -3.22
CA ASP A 296 -13.11 20.53 -3.12
C ASP A 296 -12.28 20.17 -1.88
N LEU A 297 -12.95 19.98 -0.74
CA LEU A 297 -12.23 19.66 0.49
C LEU A 297 -11.60 18.28 0.42
N ALA A 298 -12.32 17.32 -0.18
CA ALA A 298 -11.75 15.99 -0.37
C ALA A 298 -10.49 16.06 -1.22
N ARG A 299 -10.55 16.80 -2.33
CA ARG A 299 -9.39 16.90 -3.21
C ARG A 299 -8.23 17.63 -2.52
N ALA A 300 -8.53 18.69 -1.76
CA ALA A 300 -7.46 19.38 -1.04
C ALA A 300 -6.81 18.47 0.00
N THR A 301 -7.60 17.63 0.68
CA THR A 301 -7.03 16.69 1.63
C THR A 301 -6.10 15.71 0.91
N LEU A 302 -6.54 15.20 -0.25
CA LEU A 302 -5.73 14.23 -0.98
C LEU A 302 -4.43 14.89 -1.45
N VAL A 303 -4.53 16.10 -2.01
CA VAL A 303 -3.37 16.80 -2.53
C VAL A 303 -2.39 17.12 -1.41
N THR A 304 -2.90 17.63 -0.29
CA THR A 304 -2.07 17.97 0.86
C THR A 304 -1.26 16.77 1.34
N ILE A 305 -1.93 15.64 1.55
CA ILE A 305 -1.27 14.44 2.08
C ILE A 305 -0.29 13.89 1.06
N THR A 306 -0.70 13.85 -0.23
CA THR A 306 0.17 13.28 -1.25
C THR A 306 1.41 14.13 -1.47
N ASN A 307 1.26 15.47 -1.56
CA ASN A 307 2.44 16.32 -1.73
C ASN A 307 3.38 16.22 -0.54
N ASN A 308 2.84 16.09 0.68
CA ASN A 308 3.73 16.00 1.83
C ASN A 308 4.53 14.70 1.80
N ILE A 309 3.88 13.61 1.40
CA ILE A 309 4.58 12.32 1.26
C ILE A 309 5.67 12.42 0.21
N GLY A 310 5.36 13.02 -0.95
CA GLY A 310 6.38 13.19 -1.97
C GLY A 310 7.56 14.00 -1.50
N SER A 311 7.29 15.08 -0.76
CA SER A 311 8.37 15.96 -0.33
C SER A 311 9.25 15.26 0.69
N VAL A 312 8.65 14.54 1.64
CA VAL A 312 9.44 13.79 2.62
C VAL A 312 10.26 12.71 1.91
N ALA A 313 9.65 12.01 0.95
CA ALA A 313 10.39 11.02 0.17
C ALA A 313 11.57 11.65 -0.56
N ARG A 314 11.37 12.83 -1.16
CA ARG A 314 12.46 13.49 -1.87
C ARG A 314 13.59 13.86 -0.93
N MET A 315 13.26 14.45 0.23
CA MET A 315 14.31 14.80 1.18
C MET A 315 15.07 13.57 1.67
N CYS A 316 14.36 12.46 1.92
CA CYS A 316 15.05 11.25 2.36
C CYS A 316 15.92 10.67 1.24
N ALA A 317 15.42 10.69 0.02
CA ALA A 317 16.22 10.20 -1.10
C ALA A 317 17.50 11.01 -1.27
N VAL A 318 17.42 12.33 -1.12
CA VAL A 318 18.63 13.13 -1.24
C VAL A 318 19.60 12.79 -0.12
N ASN A 319 19.11 12.59 1.10
CA ASN A 319 20.02 12.33 2.21
C ASN A 319 20.61 10.93 2.13
N GLU A 320 19.84 9.95 1.66
CA GLU A 320 20.32 8.58 1.51
C GLU A 320 21.11 8.36 0.23
N LYS A 321 21.13 9.34 -0.68
CA LYS A 321 21.81 9.22 -1.97
C LYS A 321 21.24 8.05 -2.78
N ILE A 322 19.91 7.98 -2.82
CA ILE A 322 19.17 6.96 -3.56
C ILE A 322 18.26 7.68 -4.56
N ASN A 323 18.28 7.26 -5.82
CA ASN A 323 17.49 7.94 -6.84
C ASN A 323 16.23 7.18 -7.27
N ARG A 324 16.02 5.95 -6.79
CA ARG A 324 14.82 5.19 -7.10
C ARG A 324 13.94 5.10 -5.85
N VAL A 325 12.73 5.64 -5.94
CA VAL A 325 11.79 5.71 -4.82
C VAL A 325 10.55 4.91 -5.20
N VAL A 326 10.31 3.82 -4.49
CA VAL A 326 9.16 2.98 -4.76
C VAL A 326 8.13 3.18 -3.66
N PHE A 327 6.87 3.33 -4.05
CA PHE A 327 5.77 3.58 -3.13
C PHE A 327 4.95 2.31 -2.98
N VAL A 328 4.66 1.93 -1.72
CA VAL A 328 3.86 0.75 -1.42
C VAL A 328 2.80 1.14 -0.37
N GLY A 329 1.98 0.16 0.03
CA GLY A 329 0.90 0.41 0.97
C GLY A 329 -0.43 0.44 0.24
N ASN A 330 -1.53 0.59 0.98
CA ASN A 330 -2.82 0.62 0.32
C ASN A 330 -3.41 2.03 0.17
N PHE A 331 -2.71 3.07 0.62
CA PHE A 331 -3.19 4.41 0.29
C PHE A 331 -3.32 4.60 -1.22
N LEU A 332 -2.45 3.94 -1.99
CA LEU A 332 -2.47 4.12 -3.44
C LEU A 332 -3.37 3.11 -4.15
N ARG A 333 -4.04 2.23 -3.40
CA ARG A 333 -5.00 1.28 -4.02
C ARG A 333 -6.08 2.06 -4.77
N VAL A 334 -6.42 1.66 -6.00
CA VAL A 334 -7.40 2.31 -6.87
C VAL A 334 -7.33 3.84 -6.76
N ASN A 335 -6.11 4.37 -6.60
CA ASN A 335 -5.89 5.79 -6.36
C ASN A 335 -4.93 6.34 -7.41
N THR A 336 -5.39 6.46 -8.67
CA THR A 336 -4.49 6.92 -9.71
C THR A 336 -4.16 8.40 -9.56
N LEU A 337 -5.05 9.18 -8.95
CA LEU A 337 -4.78 10.59 -8.73
C LEU A 337 -3.50 10.78 -7.92
N SER A 338 -3.42 10.11 -6.77
CA SER A 338 -2.22 10.23 -5.94
C SER A 338 -1.00 9.67 -6.65
N MET A 339 -1.16 8.56 -7.39
CA MET A 339 0.01 8.02 -8.09
C MET A 339 0.54 9.02 -9.12
N LYS A 340 -0.36 9.63 -9.91
CA LYS A 340 0.10 10.57 -10.91
C LYS A 340 0.64 11.84 -10.26
N LEU A 341 0.05 12.25 -9.15
CA LEU A 341 0.57 13.41 -8.45
C LEU A 341 1.99 13.15 -7.94
N LEU A 342 2.22 11.96 -7.37
CA LEU A 342 3.55 11.60 -6.91
C LEU A 342 4.54 11.54 -8.07
N ALA A 343 4.16 10.91 -9.17
CA ALA A 343 5.07 10.81 -10.31
C ALA A 343 5.42 12.20 -10.86
N TYR A 344 4.42 13.07 -10.99
CA TYR A 344 4.69 14.40 -11.52
C TYR A 344 5.54 15.20 -10.54
N ALA A 345 5.19 15.14 -9.25
CA ALA A 345 5.84 15.99 -8.26
C ALA A 345 7.29 15.56 -8.04
N LEU A 346 7.54 14.25 -7.91
CA LEU A 346 8.92 13.82 -7.70
C LEU A 346 9.80 14.23 -8.87
N ASP A 347 9.31 14.05 -10.10
CA ASP A 347 10.09 14.43 -11.28
C ASP A 347 10.27 15.95 -11.34
N TYR A 348 9.20 16.71 -11.11
CA TYR A 348 9.31 18.16 -11.23
C TYR A 348 10.25 18.74 -10.18
N TRP A 349 9.98 18.47 -8.90
CA TRP A 349 10.76 19.12 -7.86
C TRP A 349 12.18 18.59 -7.76
N SER A 350 12.45 17.38 -8.25
CA SER A 350 13.82 16.88 -8.27
C SER A 350 14.56 17.25 -9.54
N LYS A 351 13.95 18.05 -10.42
CA LYS A 351 14.52 18.38 -11.72
C LYS A 351 14.92 17.12 -12.47
N GLY A 352 14.13 16.06 -12.31
CA GLY A 352 14.39 14.84 -13.04
C GLY A 352 15.41 13.92 -12.42
N GLN A 353 15.87 14.19 -11.20
CA GLN A 353 16.87 13.34 -10.57
C GLN A 353 16.26 12.14 -9.87
N LEU A 354 14.98 12.20 -9.50
CA LEU A 354 14.32 11.11 -8.81
C LEU A 354 13.19 10.57 -9.67
N LYS A 355 12.97 9.26 -9.56
CA LYS A 355 11.94 8.56 -10.31
C LYS A 355 10.99 7.91 -9.34
N ALA A 356 9.69 8.18 -9.48
CA ALA A 356 8.68 7.50 -8.67
C ALA A 356 8.33 6.16 -9.29
N LEU A 357 8.39 5.10 -8.49
CA LEU A 357 8.12 3.74 -8.94
C LEU A 357 6.94 3.17 -8.16
N PHE A 358 6.18 2.32 -8.84
CA PHE A 358 4.98 1.73 -8.24
C PHE A 358 5.01 0.23 -8.46
N LEU A 359 4.25 -0.50 -7.63
CA LEU A 359 4.26 -1.97 -7.70
C LEU A 359 2.83 -2.51 -7.71
N GLU A 360 2.55 -3.50 -8.55
CA GLU A 360 1.18 -4.02 -8.65
C GLU A 360 0.69 -4.62 -7.34
N HIS A 361 1.57 -5.23 -6.55
CA HIS A 361 1.15 -5.91 -5.32
C HIS A 361 1.45 -5.08 -4.09
N GLU A 362 1.35 -3.76 -4.23
CA GLU A 362 1.88 -2.80 -3.25
C GLU A 362 1.31 -2.99 -1.86
N GLY A 363 0.09 -3.48 -1.73
CA GLY A 363 -0.43 -3.62 -0.38
C GLY A 363 -0.06 -4.90 0.35
N TYR A 364 0.55 -5.87 -0.34
CA TYR A 364 0.61 -7.24 0.13
C TYR A 364 2.02 -7.75 0.43
N PHE A 365 3.06 -6.91 0.35
CA PHE A 365 4.41 -7.48 0.43
C PHE A 365 4.72 -8.01 1.83
N GLY A 366 4.20 -7.36 2.87
CA GLY A 366 4.40 -7.88 4.21
C GLY A 366 3.76 -9.25 4.39
N ALA A 367 2.55 -9.43 3.86
CA ALA A 367 1.90 -10.73 3.98
C ALA A 367 2.66 -11.82 3.22
N VAL A 368 3.19 -11.48 2.04
CA VAL A 368 4.01 -12.44 1.29
C VAL A 368 5.29 -12.77 2.05
N GLY A 369 5.97 -11.74 2.57
CA GLY A 369 7.19 -11.98 3.31
C GLY A 369 6.98 -12.85 4.53
N ALA A 370 5.84 -12.67 5.20
CA ALA A 370 5.48 -13.55 6.31
C ALA A 370 5.33 -14.99 5.85
N LEU A 371 4.60 -15.21 4.75
CA LEU A 371 4.44 -16.55 4.21
C LEU A 371 5.79 -17.18 3.91
N LEU A 372 6.72 -16.38 3.40
CA LEU A 372 8.05 -16.88 3.05
C LEU A 372 8.88 -17.28 4.26
N GLY A 373 8.48 -16.86 5.47
CA GLY A 373 9.15 -17.30 6.69
C GLY A 373 8.75 -18.67 7.17
N LEU A 374 7.74 -19.27 6.53
CA LEU A 374 7.23 -20.57 6.97
C LEU A 374 8.29 -21.66 7.09
N PRO A 375 9.25 -21.81 6.17
CA PRO A 375 10.25 -22.88 6.32
C PRO A 375 11.08 -22.80 7.59
N ASN A 376 11.22 -21.61 8.18
CA ASN A 376 12.00 -21.47 9.40
C ASN A 376 11.31 -22.08 10.63
N PHE A 377 10.08 -22.57 10.49
CA PHE A 377 9.33 -23.11 11.62
C PHE A 377 8.76 -24.49 11.33
C15 N1F B . 8.55 14.31 14.65
C17 N1F B . 10.51 15.65 14.65
C21 N1F B . 7.36 11.82 13.60
C22 N1F B . 7.05 10.41 14.11
C24 N1F B . 4.79 6.66 11.09
C01 N1F B . 3.29 0.65 11.71
C02 N1F B . 4.06 1.89 12.17
C04 N1F B . 4.29 4.45 11.88
C05 N1F B . 4.81 4.76 13.13
C06 N1F B . 5.33 6.03 13.35
C07 N1F B . 5.30 6.97 12.33
C08 N1F B . 5.85 8.37 12.54
C09 N1F B . 7.34 8.39 12.71
C11 N1F B . 9.25 9.59 13.73
C12 N1F B . 9.70 10.95 13.22
C14 N1F B . 9.36 13.34 14.04
C16 N1F B . 9.16 15.55 14.96
C25 N1F B . 4.27 5.40 10.87
N03 N1F B . 3.71 3.16 11.58
N10 N1F B . 7.88 9.45 13.50
N13 N1F B . 8.82 12.07 13.71
N19 N1F B . 11.20 14.70 14.10
N20 N1F B . 10.62 13.55 13.79
O23 N1F B . 8.05 7.59 12.22
O26 N1F B . 4.92 1.79 12.98
CL18 N1F B . 11.38 17.14 15.03
PG ANP C . -0.16 0.42 9.26
O1G ANP C . 0.22 1.84 9.40
O2G ANP C . -0.27 -0.22 10.66
O3G ANP C . 1.00 -0.31 8.49
PB ANP C . -2.11 -0.61 7.48
O1B ANP C . -1.07 -1.62 7.30
O2B ANP C . -3.47 -1.29 7.72
N3B ANP C . -1.66 0.47 8.58
PA ANP C . -2.37 -0.26 4.55
O1A ANP C . -3.24 -1.50 4.45
O2A ANP C . -1.05 -0.36 3.81
O3A ANP C . -2.11 0.11 6.07
O5' ANP C . -3.11 1.07 4.01
C5' ANP C . -4.19 1.67 4.75
C4' ANP C . -4.66 2.87 3.95
O4' ANP C . -5.13 2.42 2.67
C3' ANP C . -5.87 3.54 4.62
O3' ANP C . -5.35 4.55 5.49
C2' ANP C . -6.60 4.18 3.41
O2' ANP C . -6.01 5.45 3.09
C1' ANP C . -6.27 3.21 2.26
N9 ANP C . -7.32 2.27 1.94
C8 ANP C . -7.44 1.65 0.73
N7 ANP C . -8.46 0.81 0.75
C5 ANP C . -9.04 0.86 1.97
C6 ANP C . -10.14 0.21 2.56
N6 ANP C . -10.90 -0.71 1.85
N1 ANP C . -10.46 0.49 3.82
C2 ANP C . -9.71 1.36 4.48
N3 ANP C . -8.67 2.03 4.01
C4 ANP C . -8.31 1.79 2.74
MG MG D . 1.03 -1.78 7.01
C ACT E . 3.40 -3.86 2.30
O ACT E . 3.70 -4.62 3.26
OXT ACT E . 3.35 -4.11 1.05
CH3 ACT E . 3.06 -2.40 2.72
C1 EDO F . -12.53 -3.57 2.86
O1 EDO F . -13.68 -4.42 3.03
C2 EDO F . -11.26 -4.42 2.87
O2 EDO F . -10.15 -3.65 2.42
#